data_8RJ2
#
_entry.id   8RJ2
#
_cell.length_a   42.067
_cell.length_b   41.148
_cell.length_c   72.028
_cell.angle_alpha   90.00
_cell.angle_beta   104.15
_cell.angle_gamma   90.00
#
_symmetry.space_group_name_H-M   'P 1 21 1'
#
loop_
_entity.id
_entity.type
_entity.pdbx_description
1 polymer 'Carbonic anhydrase 2'
2 non-polymer 'ZINC ION'
3 non-polymer 'DIMETHYL SULFOXIDE'
4 non-polymer BICINE
5 non-polymer ~{N}-butyl-4-chloranyl-2-cyclohexylsulfanyl-5-sulfamoyl-benzamide
6 water water
#
_entity_poly.entity_id   1
_entity_poly.type   'polypeptide(L)'
_entity_poly.pdbx_seq_one_letter_code
;MSHHWGYGKHNGPEHWHKDFPIAKGERQSPVDIDTHTAKYDPSLKPLSVSYDQATSLRILNNGHAFNVEFDDSQDKAVLK
GGPLDGTYRLIQFHFHWGSLDGQGSEHTVDKKKYAAELHLVHWNTKYGDFGKAVQQPDGLAVLGIFLKVGSAKPGLQKVV
DVLDSIKTKGKSADFTNFDPRGLLPESLDYWTYPGSLTTPPLLECVTWIVLKEPISVSSEQVLKFRKLNFNGEGEPEELM
VDNWRPAQPLKNRQIKASFK
;
_entity_poly.pdbx_strand_id   A
#
loop_
_chem_comp.id
_chem_comp.type
_chem_comp.name
_chem_comp.formula
BCN non-polymer BICINE 'C6 H13 N O4'
DMS non-polymer 'DIMETHYL SULFOXIDE' 'C2 H6 O S'
YNF non-polymer ~{N}-butyl-4-chloranyl-2-cyclohexylsulfanyl-5-sulfamoyl-benzamide 'C17 H25 Cl N2 O3 S2'
ZN non-polymer 'ZINC ION' 'Zn 2'
#
# COMPACT_ATOMS: atom_id res chain seq x y z
N HIS A 4 -21.10 3.12 7.58
CA HIS A 4 -20.10 2.85 6.49
C HIS A 4 -18.91 2.10 7.04
N TRP A 5 -18.12 1.52 6.15
CA TRP A 5 -16.99 0.71 6.59
C TRP A 5 -15.89 1.59 7.17
N GLY A 6 -15.09 0.99 8.04
CA GLY A 6 -13.91 1.64 8.57
C GLY A 6 -13.10 0.57 9.30
N TYR A 7 -12.48 0.97 10.41
CA TYR A 7 -11.52 0.13 11.16
C TYR A 7 -11.96 -0.26 12.61
N GLY A 8 -13.20 0.06 13.04
CA GLY A 8 -13.59 -0.39 14.39
C GLY A 8 -14.31 -1.72 14.58
N LYS A 9 -14.77 -1.88 15.83
CA LYS A 9 -15.44 -3.08 16.33
C LYS A 9 -16.70 -3.38 15.53
N HIS A 10 -17.43 -2.29 15.19
CA HIS A 10 -18.66 -2.60 14.45
C HIS A 10 -18.50 -2.22 12.99
N ASN A 11 -17.41 -1.61 12.54
CA ASN A 11 -17.44 -1.37 11.08
C ASN A 11 -16.12 -1.79 10.48
N GLY A 12 -15.36 -2.58 11.22
CA GLY A 12 -14.01 -2.92 10.83
C GLY A 12 -13.96 -4.15 9.91
N PRO A 13 -12.74 -4.63 9.61
CA PRO A 13 -12.54 -5.73 8.67
C PRO A 13 -13.45 -6.95 8.81
N GLU A 14 -13.77 -7.27 10.01
CA GLU A 14 -14.58 -8.46 10.19
C GLU A 14 -16.02 -8.24 9.71
N HIS A 15 -16.46 -7.03 9.53
CA HIS A 15 -17.80 -6.70 9.05
C HIS A 15 -17.88 -6.47 7.54
N TRP A 16 -16.73 -6.30 6.87
CA TRP A 16 -16.78 -5.83 5.50
C TRP A 16 -17.53 -6.75 4.54
N HIS A 17 -17.54 -8.03 4.87
CA HIS A 17 -18.13 -8.98 3.96
C HIS A 17 -19.66 -8.78 3.78
N LYS A 18 -20.35 -8.09 4.72
CA LYS A 18 -21.81 -7.89 4.56
C LYS A 18 -22.09 -6.90 3.43
N ASP A 19 -21.26 -5.86 3.26
CA ASP A 19 -21.41 -4.94 2.14
C ASP A 19 -20.62 -5.38 0.90
N PHE A 20 -19.57 -6.16 1.11
CA PHE A 20 -18.59 -6.49 0.06
C PHE A 20 -18.31 -7.98 0.17
N PRO A 21 -19.22 -8.88 -0.32
CA PRO A 21 -19.02 -10.31 -0.09
C PRO A 21 -17.75 -10.92 -0.66
N ILE A 22 -17.11 -10.28 -1.64
N ILE A 22 -17.13 -10.19 -1.61
CA ILE A 22 -15.79 -10.73 -2.15
CA ILE A 22 -15.83 -10.58 -2.17
C ILE A 22 -14.77 -10.75 -1.01
C ILE A 22 -14.76 -10.61 -1.07
N ALA A 23 -15.07 -10.11 0.14
CA ALA A 23 -14.19 -10.16 1.29
C ALA A 23 -13.79 -11.60 1.59
N LYS A 24 -14.69 -12.57 1.32
CA LYS A 24 -14.48 -13.99 1.57
C LYS A 24 -14.05 -14.72 0.29
N GLY A 25 -13.52 -13.99 -0.68
CA GLY A 25 -13.17 -14.51 -1.99
C GLY A 25 -11.89 -15.35 -1.99
N GLU A 26 -11.54 -15.75 -3.23
CA GLU A 26 -10.43 -16.66 -3.44
C GLU A 26 -9.07 -16.00 -3.58
N ARG A 27 -9.01 -14.68 -3.71
CA ARG A 27 -7.70 -14.05 -3.88
C ARG A 27 -7.71 -12.73 -3.11
N GLN A 28 -7.96 -12.81 -1.81
CA GLN A 28 -7.99 -11.62 -0.97
C GLN A 28 -6.59 -11.31 -0.42
N SER A 29 -6.41 -10.02 -0.11
CA SER A 29 -5.18 -9.48 0.45
C SER A 29 -5.50 -8.71 1.71
N PRO A 30 -4.52 -8.53 2.60
CA PRO A 30 -3.14 -9.06 2.51
C PRO A 30 -3.09 -10.52 2.91
N VAL A 31 -1.88 -11.07 2.93
CA VAL A 31 -1.58 -12.42 3.34
C VAL A 31 -0.34 -12.42 4.19
N ASP A 32 -0.14 -13.47 4.96
CA ASP A 32 1.14 -13.77 5.57
C ASP A 32 2.04 -14.37 4.50
N ILE A 33 3.28 -13.86 4.45
N ILE A 33 3.26 -13.85 4.42
CA ILE A 33 4.32 -14.33 3.54
CA ILE A 33 4.26 -14.42 3.51
C ILE A 33 5.18 -15.28 4.36
C ILE A 33 5.08 -15.39 4.32
N ASP A 34 4.94 -16.56 4.16
N ASP A 34 4.94 -16.67 3.97
CA ASP A 34 5.73 -17.60 4.77
CA ASP A 34 5.75 -17.70 4.58
C ASP A 34 6.98 -17.77 3.88
C ASP A 34 7.04 -17.78 3.78
N THR A 35 8.11 -17.26 4.36
CA THR A 35 9.29 -17.08 3.55
C THR A 35 9.95 -18.39 3.19
N HIS A 36 9.75 -19.41 4.00
CA HIS A 36 10.30 -20.71 3.71
C HIS A 36 9.56 -21.41 2.59
N THR A 37 8.23 -21.15 2.46
CA THR A 37 7.37 -21.77 1.46
C THR A 37 7.33 -21.00 0.13
N ALA A 38 7.66 -19.72 0.15
CA ALA A 38 7.68 -18.96 -1.08
C ALA A 38 8.73 -19.55 -1.99
N LYS A 39 8.39 -19.78 -3.25
N LYS A 39 8.40 -19.57 -3.30
CA LYS A 39 9.47 -20.37 -4.02
CA LYS A 39 9.16 -20.22 -4.35
C LYS A 39 10.14 -19.31 -4.87
C LYS A 39 10.11 -19.24 -5.05
N TYR A 40 11.45 -19.45 -4.96
CA TYR A 40 12.30 -18.68 -5.84
C TYR A 40 11.92 -19.01 -7.28
N ASP A 41 11.66 -17.96 -8.04
CA ASP A 41 11.28 -18.12 -9.45
C ASP A 41 12.31 -17.45 -10.31
N PRO A 42 13.19 -18.24 -10.96
CA PRO A 42 14.28 -17.66 -11.76
C PRO A 42 13.81 -16.93 -13.01
N SER A 43 12.54 -17.16 -13.39
CA SER A 43 11.84 -16.52 -14.51
C SER A 43 11.35 -15.10 -14.18
N LEU A 44 11.33 -14.74 -12.91
CA LEU A 44 10.93 -13.38 -12.54
C LEU A 44 12.05 -12.41 -12.90
N LYS A 45 11.64 -11.21 -13.35
CA LYS A 45 12.58 -10.20 -13.81
C LYS A 45 12.79 -9.18 -12.70
N PRO A 46 13.91 -8.43 -12.76
CA PRO A 46 14.10 -7.30 -11.84
C PRO A 46 12.89 -6.39 -12.01
N LEU A 47 12.52 -5.76 -10.91
CA LEU A 47 11.43 -4.79 -10.97
C LEU A 47 12.04 -3.53 -11.62
N SER A 48 11.28 -2.87 -12.49
CA SER A 48 11.67 -1.62 -13.11
C SER A 48 10.75 -0.54 -12.54
N VAL A 49 11.31 0.33 -11.72
CA VAL A 49 10.60 1.40 -11.08
C VAL A 49 11.11 2.66 -11.73
N SER A 50 10.33 3.41 -12.51
CA SER A 50 10.80 4.57 -13.25
C SER A 50 9.98 5.75 -12.77
N TYR A 51 10.51 6.41 -11.74
CA TYR A 51 9.79 7.47 -11.09
C TYR A 51 10.39 8.86 -11.36
N ASP A 52 11.39 8.97 -12.27
CA ASP A 52 12.11 10.22 -12.55
C ASP A 52 11.18 11.39 -12.93
N GLN A 53 10.01 11.10 -13.53
CA GLN A 53 9.17 12.18 -14.02
C GLN A 53 7.86 12.23 -13.24
N ALA A 54 7.82 11.64 -12.05
CA ALA A 54 6.58 11.62 -11.28
C ALA A 54 6.15 13.06 -10.96
N THR A 55 4.86 13.32 -11.12
CA THR A 55 4.26 14.60 -10.84
C THR A 55 3.22 14.44 -9.76
N SER A 56 3.66 14.66 -8.54
CA SER A 56 2.69 14.64 -7.48
C SER A 56 1.95 15.92 -7.65
N LEU A 57 0.73 15.86 -7.21
CA LEU A 57 -0.12 17.03 -7.29
C LEU A 57 -0.68 17.42 -5.93
N ARG A 58 -1.14 16.44 -5.12
CA ARG A 58 -1.92 16.83 -3.97
C ARG A 58 -1.92 15.70 -2.94
N ILE A 59 -2.26 16.03 -1.67
CA ILE A 59 -2.37 15.02 -0.63
C ILE A 59 -3.73 15.23 0.01
N LEU A 60 -4.33 14.09 0.28
CA LEU A 60 -5.70 14.03 0.68
C LEU A 60 -5.96 13.12 1.88
N ASN A 61 -6.66 13.59 2.94
CA ASN A 61 -7.19 12.78 4.01
C ASN A 61 -8.58 12.27 3.61
N ASN A 62 -8.66 10.98 3.27
CA ASN A 62 -9.87 10.49 2.70
C ASN A 62 -10.68 9.81 3.80
N GLY A 63 -10.23 9.97 5.07
CA GLY A 63 -10.97 9.38 6.14
C GLY A 63 -10.59 7.94 6.55
N HIS A 64 -9.76 7.29 5.77
CA HIS A 64 -9.25 5.93 6.00
C HIS A 64 -7.74 5.98 6.09
N ALA A 65 -7.10 6.81 5.29
CA ALA A 65 -5.68 7.01 5.25
C ALA A 65 -5.49 8.38 4.63
N PHE A 66 -4.25 8.70 4.27
CA PHE A 66 -4.03 9.85 3.39
C PHE A 66 -3.44 9.35 2.09
N ASN A 67 -3.87 9.95 0.97
CA ASN A 67 -3.29 9.61 -0.34
C ASN A 67 -2.45 10.73 -0.91
N VAL A 68 -1.24 10.41 -1.39
CA VAL A 68 -0.44 11.36 -2.18
C VAL A 68 -0.78 11.00 -3.63
N GLU A 69 -1.35 11.95 -4.39
CA GLU A 69 -1.86 11.73 -5.72
C GLU A 69 -0.89 12.23 -6.79
N PHE A 70 -0.96 11.52 -7.92
CA PHE A 70 -0.08 11.87 -8.99
C PHE A 70 -0.88 12.16 -10.26
N ASP A 71 -0.30 12.93 -11.14
CA ASP A 71 -0.80 13.09 -12.49
C ASP A 71 -0.48 11.81 -13.24
N ASP A 72 -1.53 11.06 -13.54
CA ASP A 72 -1.41 9.80 -14.27
C ASP A 72 -1.98 9.94 -15.69
N SER A 73 -2.00 11.16 -16.27
CA SER A 73 -2.57 11.38 -17.60
C SER A 73 -1.50 11.24 -18.69
N GLN A 74 -0.22 11.04 -18.34
CA GLN A 74 0.82 10.67 -19.29
C GLN A 74 1.67 9.57 -18.66
N ASP A 75 2.43 8.79 -19.46
N ASP A 75 2.66 9.10 -19.45
CA ASP A 75 3.39 7.89 -18.84
CA ASP A 75 3.59 8.05 -19.05
C ASP A 75 4.50 8.76 -18.25
C ASP A 75 4.75 8.64 -18.23
N LYS A 76 4.54 8.81 -16.93
CA LYS A 76 5.50 9.60 -16.16
C LYS A 76 6.20 8.90 -14.98
N ALA A 77 5.45 8.07 -14.31
CA ALA A 77 5.93 7.32 -13.14
C ALA A 77 5.40 5.91 -13.35
N VAL A 78 6.20 4.98 -13.82
CA VAL A 78 5.65 3.67 -14.20
C VAL A 78 6.48 2.55 -13.59
N LEU A 79 5.71 1.48 -13.33
CA LEU A 79 6.23 0.21 -12.84
C LEU A 79 6.11 -0.79 -13.98
N LYS A 80 7.16 -1.56 -14.21
CA LYS A 80 7.18 -2.59 -15.24
C LYS A 80 8.12 -3.67 -14.76
N GLY A 81 8.24 -4.72 -15.57
CA GLY A 81 9.15 -5.79 -15.25
C GLY A 81 8.65 -6.56 -14.05
N GLY A 82 9.58 -7.16 -13.34
CA GLY A 82 9.19 -7.98 -12.22
C GLY A 82 8.27 -9.06 -12.79
N PRO A 83 7.11 -9.31 -12.14
CA PRO A 83 6.17 -10.32 -12.62
C PRO A 83 5.21 -9.78 -13.68
N LEU A 84 5.31 -8.50 -14.02
CA LEU A 84 4.29 -7.84 -14.78
C LEU A 84 4.52 -8.01 -16.27
N ASP A 85 3.44 -8.00 -17.04
CA ASP A 85 3.41 -7.84 -18.49
C ASP A 85 2.97 -6.39 -18.69
N GLY A 86 3.67 -5.66 -19.53
CA GLY A 86 3.20 -4.32 -19.82
C GLY A 86 3.53 -3.32 -18.69
N THR A 87 2.83 -2.18 -18.74
N THR A 87 2.83 -2.20 -18.70
CA THR A 87 3.24 -0.95 -18.06
CA THR A 87 3.32 -1.08 -17.93
C THR A 87 2.11 -0.50 -17.15
C THR A 87 2.15 -0.56 -17.13
N TYR A 88 2.49 -0.15 -15.93
CA TYR A 88 1.53 0.27 -14.93
C TYR A 88 1.91 1.65 -14.44
N ARG A 89 0.96 2.54 -14.41
CA ARG A 89 1.22 3.95 -14.10
C ARG A 89 0.79 4.25 -12.66
N LEU A 90 1.68 4.97 -11.96
CA LEU A 90 1.44 5.37 -10.58
C LEU A 90 0.28 6.38 -10.52
N ILE A 91 -0.71 6.08 -9.70
CA ILE A 91 -1.81 6.99 -9.45
C ILE A 91 -1.76 7.60 -8.05
N GLN A 92 -1.40 6.82 -7.01
CA GLN A 92 -1.38 7.35 -5.66
C GLN A 92 -0.57 6.43 -4.79
N PHE A 93 -0.08 6.96 -3.66
CA PHE A 93 0.39 6.12 -2.58
C PHE A 93 -0.30 6.51 -1.29
N HIS A 94 -0.29 5.55 -0.37
CA HIS A 94 -0.81 5.74 0.97
C HIS A 94 -0.12 4.75 1.88
N PHE A 95 -0.42 4.85 3.18
CA PHE A 95 0.12 3.95 4.19
C PHE A 95 -1.01 3.35 5.01
N HIS A 96 -0.66 2.25 5.70
CA HIS A 96 -1.40 1.67 6.78
C HIS A 96 -0.46 1.61 7.99
N TRP A 97 -0.96 1.91 9.17
CA TRP A 97 -0.09 1.95 10.33
C TRP A 97 -0.85 1.63 11.60
N GLY A 98 -0.10 1.43 12.68
CA GLY A 98 -0.65 0.97 13.92
C GLY A 98 -0.77 2.06 14.98
N SER A 99 -1.39 1.65 16.09
CA SER A 99 -1.38 2.49 17.29
C SER A 99 -0.11 2.35 18.10
N LEU A 100 0.67 1.30 17.85
CA LEU A 100 1.89 0.94 18.52
C LEU A 100 2.85 0.44 17.47
N ASP A 101 4.15 0.47 17.76
CA ASP A 101 5.13 0.11 16.75
C ASP A 101 5.05 -1.35 16.36
N GLY A 102 4.51 -2.20 17.26
CA GLY A 102 4.42 -3.63 17.00
C GLY A 102 3.32 -4.11 16.07
N GLN A 103 2.60 -3.18 15.47
N GLN A 103 2.55 -3.20 15.48
CA GLN A 103 1.52 -3.54 14.55
CA GLN A 103 1.58 -3.63 14.48
C GLN A 103 1.33 -2.40 13.55
C GLN A 103 1.33 -2.44 13.57
N GLY A 104 0.64 -2.71 12.45
CA GLY A 104 0.37 -1.65 11.48
C GLY A 104 0.44 -2.15 10.05
N SER A 105 1.37 -3.11 9.77
CA SER A 105 1.44 -3.60 8.39
C SER A 105 0.22 -4.50 8.11
N GLU A 106 -0.05 -4.64 6.82
CA GLU A 106 -1.11 -5.49 6.31
C GLU A 106 -0.52 -6.86 5.98
N HIS A 107 0.44 -6.91 5.03
CA HIS A 107 1.21 -8.12 4.92
C HIS A 107 2.05 -8.34 6.17
N THR A 108 2.34 -9.62 6.41
CA THR A 108 3.20 -10.06 7.47
C THR A 108 4.25 -10.99 6.86
N VAL A 109 5.38 -11.15 7.55
CA VAL A 109 6.48 -11.96 7.02
C VAL A 109 6.78 -13.00 8.12
N ASP A 110 6.44 -14.26 7.87
CA ASP A 110 6.55 -15.26 8.94
C ASP A 110 5.88 -14.79 10.22
N LYS A 111 4.71 -14.17 10.03
CA LYS A 111 3.82 -13.66 11.08
C LYS A 111 4.35 -12.36 11.71
N LYS A 112 5.51 -11.86 11.32
CA LYS A 112 5.99 -10.58 11.82
C LYS A 112 5.16 -9.45 11.23
N LYS A 113 4.68 -8.57 12.13
N LYS A 113 4.65 -8.60 12.12
CA LYS A 113 4.00 -7.34 11.77
CA LYS A 113 4.03 -7.35 11.75
C LYS A 113 4.95 -6.15 11.90
C LYS A 113 5.07 -6.25 11.83
N TYR A 114 5.05 -5.37 10.81
CA TYR A 114 5.82 -4.16 10.82
C TYR A 114 4.99 -3.00 11.35
N ALA A 115 5.66 -1.88 11.64
CA ALA A 115 4.97 -0.70 12.18
C ALA A 115 4.01 -0.07 11.19
N ALA A 116 4.31 -0.22 9.88
CA ALA A 116 3.45 0.41 8.87
C ALA A 116 3.80 -0.26 7.55
N GLU A 117 2.97 0.06 6.55
CA GLU A 117 3.20 -0.46 5.20
C GLU A 117 2.77 0.62 4.21
N LEU A 118 3.63 0.90 3.26
CA LEU A 118 3.42 1.85 2.17
C LEU A 118 2.93 1.06 0.96
N HIS A 119 1.88 1.59 0.32
CA HIS A 119 1.32 1.02 -0.90
C HIS A 119 1.40 2.05 -2.02
N LEU A 120 2.20 1.76 -3.05
CA LEU A 120 2.26 2.58 -4.28
C LEU A 120 1.37 1.87 -5.30
N VAL A 121 0.28 2.53 -5.66
CA VAL A 121 -0.80 1.92 -6.47
C VAL A 121 -0.63 2.34 -7.92
N HIS A 122 -0.59 1.33 -8.81
CA HIS A 122 -0.39 1.57 -10.23
C HIS A 122 -1.46 0.84 -11.04
N TRP A 123 -1.87 1.42 -12.17
CA TRP A 123 -2.89 0.75 -12.99
C TRP A 123 -2.30 0.44 -14.38
N ASN A 124 -2.80 -0.68 -14.93
CA ASN A 124 -2.29 -1.20 -16.19
C ASN A 124 -2.78 -0.33 -17.34
N THR A 125 -1.83 0.25 -18.09
CA THR A 125 -2.22 1.19 -19.13
C THR A 125 -3.01 0.52 -20.27
N LYS A 126 -3.03 -0.84 -20.35
CA LYS A 126 -3.86 -1.41 -21.41
C LYS A 126 -5.36 -1.22 -21.14
N TYR A 127 -5.75 -0.79 -19.93
CA TYR A 127 -7.15 -0.56 -19.63
C TYR A 127 -7.53 0.91 -19.60
N GLY A 128 -6.59 1.80 -19.91
CA GLY A 128 -6.94 3.17 -20.23
C GLY A 128 -7.16 4.09 -19.03
N ASP A 129 -7.81 3.64 -17.94
CA ASP A 129 -7.89 4.45 -16.74
C ASP A 129 -8.03 3.52 -15.53
N PHE A 130 -7.89 4.10 -14.36
CA PHE A 130 -7.94 3.34 -13.12
C PHE A 130 -9.30 2.66 -12.90
N GLY A 131 -10.40 3.38 -13.15
CA GLY A 131 -11.70 2.79 -12.89
C GLY A 131 -11.98 1.55 -13.75
N LYS A 132 -11.51 1.53 -15.00
N LYS A 132 -11.48 1.53 -14.98
CA LYS A 132 -11.64 0.31 -15.80
CA LYS A 132 -11.62 0.35 -15.82
C LYS A 132 -10.65 -0.75 -15.31
C LYS A 132 -10.64 -0.72 -15.39
N ALA A 133 -9.43 -0.32 -14.96
CA ALA A 133 -8.43 -1.29 -14.53
C ALA A 133 -8.88 -2.12 -13.34
N VAL A 134 -9.57 -1.52 -12.38
CA VAL A 134 -9.93 -2.26 -11.18
C VAL A 134 -10.99 -3.34 -11.43
N GLN A 135 -11.56 -3.35 -12.65
CA GLN A 135 -12.51 -4.38 -13.05
C GLN A 135 -11.83 -5.57 -13.70
N GLN A 136 -10.49 -5.59 -13.73
CA GLN A 136 -9.75 -6.60 -14.44
C GLN A 136 -8.81 -7.37 -13.52
N PRO A 137 -8.54 -8.67 -13.77
N PRO A 137 -8.61 -8.69 -13.75
CA PRO A 137 -7.73 -9.44 -12.82
CA PRO A 137 -7.77 -9.46 -12.83
C PRO A 137 -6.27 -9.03 -12.80
C PRO A 137 -6.30 -9.02 -12.79
N ASP A 138 -5.82 -8.37 -13.88
CA ASP A 138 -4.45 -7.84 -13.99
C ASP A 138 -4.50 -6.33 -14.11
N GLY A 139 -5.49 -5.68 -13.46
CA GLY A 139 -5.64 -4.26 -13.62
C GLY A 139 -4.65 -3.39 -12.84
N LEU A 140 -4.27 -3.84 -11.62
CA LEU A 140 -3.43 -3.02 -10.77
C LEU A 140 -2.18 -3.78 -10.41
N ALA A 141 -1.13 -2.99 -10.11
CA ALA A 141 0.08 -3.52 -9.48
C ALA A 141 0.34 -2.61 -8.29
N VAL A 142 0.44 -3.23 -7.11
CA VAL A 142 0.73 -2.45 -5.91
C VAL A 142 2.08 -2.87 -5.38
N LEU A 143 2.97 -1.86 -5.25
CA LEU A 143 4.26 -2.06 -4.66
C LEU A 143 4.09 -1.79 -3.18
N GLY A 144 4.33 -2.81 -2.37
CA GLY A 144 4.22 -2.70 -0.92
C GLY A 144 5.61 -2.69 -0.30
N ILE A 145 5.76 -1.76 0.67
CA ILE A 145 7.06 -1.53 1.32
C ILE A 145 6.81 -1.45 2.81
N PHE A 146 7.50 -2.28 3.59
CA PHE A 146 7.32 -2.26 5.04
C PHE A 146 8.09 -1.09 5.65
N LEU A 147 7.57 -0.58 6.76
CA LEU A 147 8.25 0.46 7.56
C LEU A 147 8.52 -0.12 8.93
N LYS A 148 9.74 0.04 9.40
CA LYS A 148 10.12 -0.23 10.76
C LYS A 148 10.56 1.09 11.41
N VAL A 149 10.47 1.16 12.74
CA VAL A 149 10.86 2.36 13.47
C VAL A 149 12.33 2.25 13.86
N GLY A 150 13.07 3.27 13.45
CA GLY A 150 14.50 3.38 13.79
C GLY A 150 14.97 4.75 13.39
N SER A 151 15.92 4.80 12.44
N SER A 151 15.90 4.78 12.42
CA SER A 151 16.42 6.05 11.90
CA SER A 151 16.34 6.03 11.84
C SER A 151 15.35 6.69 11.01
C SER A 151 15.20 6.71 11.11
N ALA A 152 15.27 8.05 10.99
CA ALA A 152 14.33 8.76 10.16
C ALA A 152 14.57 8.45 8.68
N LYS A 153 13.47 8.56 7.89
CA LYS A 153 13.54 8.50 6.45
C LYS A 153 13.46 9.93 5.94
N PRO A 154 14.58 10.51 5.47
CA PRO A 154 14.53 11.92 5.09
C PRO A 154 13.53 12.23 3.98
N GLY A 155 13.35 11.27 3.06
CA GLY A 155 12.49 11.47 1.92
C GLY A 155 11.01 11.42 2.33
N LEU A 156 10.70 11.03 3.57
CA LEU A 156 9.36 11.01 4.14
C LEU A 156 8.96 12.32 4.79
N GLN A 157 9.95 13.18 5.13
CA GLN A 157 9.65 14.28 6.02
C GLN A 157 8.67 15.25 5.34
N LYS A 158 8.75 15.49 4.03
CA LYS A 158 7.83 16.44 3.41
C LYS A 158 6.37 15.98 3.59
N VAL A 159 6.16 14.67 3.57
CA VAL A 159 4.83 14.13 3.81
C VAL A 159 4.42 14.40 5.25
N VAL A 160 5.29 14.05 6.18
CA VAL A 160 4.96 14.21 7.59
C VAL A 160 4.61 15.65 7.91
N ASP A 161 5.36 16.60 7.33
CA ASP A 161 5.18 17.98 7.75
C ASP A 161 3.88 18.59 7.22
N VAL A 162 3.23 17.98 6.23
CA VAL A 162 2.02 18.53 5.67
C VAL A 162 0.79 17.96 6.38
N LEU A 163 1.04 16.93 7.21
CA LEU A 163 -0.13 16.26 7.78
C LEU A 163 -1.01 17.11 8.72
N ASP A 164 -0.40 18.10 9.40
CA ASP A 164 -1.07 19.07 10.24
C ASP A 164 -2.17 19.81 9.46
N SER A 165 -1.97 19.93 8.13
CA SER A 165 -2.89 20.68 7.29
C SER A 165 -4.04 19.84 6.78
N ILE A 166 -3.96 18.51 6.97
CA ILE A 166 -4.99 17.61 6.45
C ILE A 166 -5.43 16.69 7.60
N LYS A 167 -5.57 17.31 8.78
CA LYS A 167 -5.74 16.49 9.95
C LYS A 167 -6.98 15.63 9.86
N THR A 168 -8.03 16.20 9.23
CA THR A 168 -9.35 15.59 9.30
C THR A 168 -9.87 15.17 7.91
N LYS A 169 -10.80 14.23 7.97
CA LYS A 169 -11.35 13.67 6.74
C LYS A 169 -11.92 14.70 5.76
N GLY A 170 -11.48 14.59 4.49
CA GLY A 170 -11.92 15.52 3.47
C GLY A 170 -10.98 16.70 3.24
N LYS A 171 -10.03 16.94 4.17
CA LYS A 171 -9.02 17.96 3.89
C LYS A 171 -8.00 17.51 2.83
N SER A 172 -7.63 18.38 1.95
CA SER A 172 -6.56 18.17 1.00
C SER A 172 -5.59 19.38 1.00
N ALA A 173 -4.39 19.21 0.39
CA ALA A 173 -3.40 20.27 0.21
C ALA A 173 -2.52 20.07 -1.02
N ASP A 174 -2.21 21.17 -1.70
CA ASP A 174 -1.27 21.15 -2.80
C ASP A 174 -0.05 20.37 -2.31
N PHE A 175 0.36 19.43 -3.15
CA PHE A 175 1.49 18.60 -2.76
C PHE A 175 2.26 18.29 -4.02
N THR A 176 2.96 19.26 -4.51
CA THR A 176 3.63 19.05 -5.78
C THR A 176 5.09 18.81 -5.50
N ASN A 177 5.79 18.30 -6.50
CA ASN A 177 7.22 18.13 -6.55
C ASN A 177 7.63 17.12 -5.50
N PHE A 178 6.74 16.17 -5.08
CA PHE A 178 7.22 15.18 -4.12
C PHE A 178 7.79 14.02 -4.92
N ASP A 179 8.96 13.57 -4.55
CA ASP A 179 9.65 12.51 -5.28
C ASP A 179 9.52 11.19 -4.54
N PRO A 180 8.72 10.24 -5.07
CA PRO A 180 8.52 8.97 -4.34
C PRO A 180 9.74 8.08 -4.36
N ARG A 181 10.79 8.43 -5.15
CA ARG A 181 12.01 7.63 -5.07
C ARG A 181 12.60 7.69 -3.66
N GLY A 182 12.35 8.79 -2.91
CA GLY A 182 12.88 8.90 -1.57
C GLY A 182 12.21 7.97 -0.56
N LEU A 183 11.24 7.15 -0.98
CA LEU A 183 10.59 6.22 -0.06
C LEU A 183 11.02 4.79 -0.33
N LEU A 184 11.96 4.57 -1.25
CA LEU A 184 12.31 3.21 -1.62
C LEU A 184 13.55 2.74 -0.84
N PRO A 185 13.58 1.43 -0.47
CA PRO A 185 14.77 0.84 0.14
C PRO A 185 15.83 0.62 -0.94
N GLU A 186 16.96 0.19 -0.42
N GLU A 186 17.02 0.15 -0.55
CA GLU A 186 18.07 0.01 -1.32
CA GLU A 186 18.13 -0.05 -1.50
C GLU A 186 17.80 -1.11 -2.34
C GLU A 186 17.88 -1.23 -2.44
N SER A 187 17.33 -2.28 -1.84
CA SER A 187 17.08 -3.47 -2.66
C SER A 187 15.67 -3.50 -3.21
N LEU A 188 15.53 -3.96 -4.45
CA LEU A 188 14.21 -4.22 -5.02
C LEU A 188 13.89 -5.72 -5.05
N ASP A 189 14.57 -6.53 -4.23
CA ASP A 189 14.15 -7.91 -4.11
C ASP A 189 12.70 -7.99 -3.56
N TYR A 190 11.88 -8.93 -4.08
CA TYR A 190 10.45 -8.88 -3.74
C TYR A 190 9.85 -10.29 -3.73
N TRP A 191 8.68 -10.32 -3.09
CA TRP A 191 7.72 -11.42 -3.21
C TRP A 191 6.54 -10.95 -4.06
N THR A 192 5.89 -11.87 -4.76
CA THR A 192 4.73 -11.47 -5.55
C THR A 192 3.68 -12.58 -5.49
N TYR A 193 2.41 -12.15 -5.58
CA TYR A 193 1.27 -13.08 -5.59
C TYR A 193 0.06 -12.32 -6.12
N PRO A 194 -0.97 -13.04 -6.60
CA PRO A 194 -2.19 -12.38 -7.08
C PRO A 194 -3.13 -12.13 -5.90
N GLY A 195 -3.66 -10.92 -5.79
CA GLY A 195 -4.55 -10.62 -4.68
C GLY A 195 -5.52 -9.50 -5.02
N SER A 196 -5.81 -8.72 -3.99
CA SER A 196 -6.94 -7.79 -4.04
C SER A 196 -6.56 -6.46 -3.46
N LEU A 197 -7.45 -5.47 -3.66
CA LEU A 197 -7.41 -4.31 -2.79
C LEU A 197 -7.60 -4.76 -1.37
N THR A 198 -6.94 -4.06 -0.43
CA THR A 198 -7.12 -4.38 0.99
C THR A 198 -8.18 -3.52 1.68
N THR A 199 -8.79 -2.59 0.94
CA THR A 199 -9.93 -1.83 1.46
C THR A 199 -11.10 -2.11 0.56
N PRO A 200 -12.34 -1.99 1.09
CA PRO A 200 -13.51 -2.01 0.20
C PRO A 200 -13.24 -1.11 -1.00
N PRO A 201 -13.64 -1.50 -2.21
CA PRO A 201 -14.50 -2.66 -2.50
C PRO A 201 -13.79 -4.01 -2.64
N LEU A 202 -12.53 -4.13 -2.24
CA LEU A 202 -11.86 -5.43 -2.09
C LEU A 202 -11.74 -6.18 -3.41
N LEU A 203 -11.68 -5.43 -4.52
CA LEU A 203 -11.69 -6.04 -5.84
C LEU A 203 -10.43 -6.85 -6.06
N GLU A 204 -10.60 -7.98 -6.72
CA GLU A 204 -9.55 -8.96 -6.97
C GLU A 204 -8.82 -8.65 -8.27
N CYS A 205 -8.09 -7.54 -8.24
CA CYS A 205 -7.52 -6.93 -9.44
C CYS A 205 -6.05 -6.63 -9.29
N VAL A 206 -5.39 -7.11 -8.24
CA VAL A 206 -4.05 -6.63 -7.91
C VAL A 206 -3.00 -7.74 -8.09
N THR A 207 -1.89 -7.40 -8.81
CA THR A 207 -0.65 -8.14 -8.66
C THR A 207 0.14 -7.44 -7.55
N TRP A 208 0.34 -8.15 -6.44
CA TRP A 208 1.10 -7.60 -5.33
C TRP A 208 2.57 -7.85 -5.54
N ILE A 209 3.38 -6.83 -5.25
CA ILE A 209 4.84 -6.90 -5.30
C ILE A 209 5.27 -6.30 -3.97
N VAL A 210 5.74 -7.17 -3.05
CA VAL A 210 6.08 -6.74 -1.69
C VAL A 210 7.59 -6.82 -1.55
N LEU A 211 8.22 -5.68 -1.29
CA LEU A 211 9.67 -5.65 -1.14
C LEU A 211 10.10 -6.33 0.15
N LYS A 212 11.19 -7.09 0.05
CA LYS A 212 11.74 -7.73 1.24
C LYS A 212 12.36 -6.74 2.22
N GLU A 213 13.03 -5.71 1.74
CA GLU A 213 13.77 -4.81 2.62
C GLU A 213 12.85 -3.71 3.09
N PRO A 214 12.67 -3.58 4.41
CA PRO A 214 11.87 -2.46 4.92
C PRO A 214 12.64 -1.17 4.82
N ILE A 215 11.89 -0.06 4.87
CA ILE A 215 12.52 1.24 5.13
C ILE A 215 12.42 1.54 6.61
N SER A 216 13.33 2.34 7.12
CA SER A 216 13.27 2.82 8.49
C SER A 216 12.73 4.21 8.51
N VAL A 217 11.80 4.45 9.45
CA VAL A 217 11.28 5.79 9.72
C VAL A 217 11.46 6.04 11.21
N SER A 218 11.47 7.31 11.63
CA SER A 218 11.71 7.55 13.03
C SER A 218 10.41 7.44 13.83
N SER A 219 10.58 7.29 15.15
CA SER A 219 9.43 7.31 16.04
C SER A 219 8.68 8.63 15.86
N GLU A 220 9.39 9.75 15.66
CA GLU A 220 8.71 11.02 15.53
C GLU A 220 7.87 11.06 14.25
N GLN A 221 8.37 10.47 13.17
CA GLN A 221 7.61 10.44 11.91
C GLN A 221 6.31 9.62 12.06
N VAL A 222 6.42 8.43 12.64
N VAL A 222 6.40 8.44 12.66
CA VAL A 222 5.20 7.65 12.74
CA VAL A 222 5.19 7.65 12.78
C VAL A 222 4.23 8.23 13.78
C VAL A 222 4.21 8.25 13.79
N LEU A 223 4.74 8.94 14.81
CA LEU A 223 3.87 9.62 15.74
C LEU A 223 3.03 10.68 15.03
N LYS A 224 3.59 11.31 14.00
CA LYS A 224 2.83 12.30 13.24
C LYS A 224 1.69 11.64 12.45
N PHE A 225 1.87 10.43 11.93
CA PHE A 225 0.82 9.70 11.28
C PHE A 225 -0.32 9.49 12.28
N ARG A 226 0.03 9.14 13.51
CA ARG A 226 -0.95 8.77 14.51
C ARG A 226 -1.69 9.98 15.06
N LYS A 227 -1.36 11.22 14.68
CA LYS A 227 -2.11 12.41 15.09
C LYS A 227 -3.21 12.75 14.10
N LEU A 228 -3.21 12.09 12.92
CA LEU A 228 -4.26 12.29 11.96
C LEU A 228 -5.57 11.79 12.56
N ASN A 229 -6.67 12.21 11.93
CA ASN A 229 -7.97 11.83 12.41
C ASN A 229 -8.75 11.16 11.27
N PHE A 230 -9.53 10.19 11.75
CA PHE A 230 -10.48 9.55 10.81
C PHE A 230 -11.76 10.40 10.69
N ASN A 231 -12.13 11.13 11.72
CA ASN A 231 -13.26 12.10 11.67
C ASN A 231 -12.97 13.32 10.79
N GLY A 232 -14.13 14.00 10.45
CA GLY A 232 -14.08 15.30 9.78
C GLY A 232 -13.98 16.41 10.82
N GLU A 233 -13.58 17.60 10.36
CA GLU A 233 -13.58 18.78 11.21
C GLU A 233 -14.92 18.99 11.89
N GLY A 234 -14.82 19.28 13.19
CA GLY A 234 -16.01 19.63 13.94
C GLY A 234 -16.72 18.40 14.50
N GLU A 235 -16.08 17.25 14.33
CA GLU A 235 -16.62 16.05 14.93
C GLU A 235 -15.65 15.58 15.99
N PRO A 236 -16.16 14.63 16.85
CA PRO A 236 -15.45 13.99 17.99
C PRO A 236 -14.18 13.25 17.52
N GLU A 237 -13.05 13.43 18.27
CA GLU A 237 -11.79 13.02 17.67
C GLU A 237 -11.58 11.51 17.72
N GLU A 238 -11.22 10.87 16.59
CA GLU A 238 -10.90 9.43 16.51
C GLU A 238 -9.59 9.41 15.81
N LEU A 239 -8.52 9.10 16.59
CA LEU A 239 -7.23 9.08 15.96
C LEU A 239 -7.17 8.05 14.83
N MET A 240 -6.56 8.44 13.72
CA MET A 240 -6.34 7.55 12.59
C MET A 240 -5.16 6.65 12.93
N VAL A 241 -5.48 5.48 13.50
CA VAL A 241 -4.52 4.44 13.86
C VAL A 241 -5.17 3.10 13.61
N ASP A 242 -4.31 2.10 13.39
CA ASP A 242 -4.78 0.75 13.15
C ASP A 242 -5.74 0.68 11.95
N ASN A 243 -5.32 1.29 10.87
CA ASN A 243 -6.06 1.30 9.60
C ASN A 243 -5.54 0.21 8.66
N TRP A 244 -5.37 -1.00 9.21
CA TRP A 244 -4.85 -2.14 8.48
C TRP A 244 -5.86 -3.30 8.55
N ARG A 245 -5.95 -4.01 7.45
CA ARG A 245 -6.70 -5.28 7.36
C ARG A 245 -5.73 -6.40 7.74
N PRO A 246 -6.16 -7.34 8.62
N PRO A 246 -6.16 -7.38 8.55
CA PRO A 246 -5.38 -8.53 8.88
CA PRO A 246 -5.24 -8.44 8.93
C PRO A 246 -5.13 -9.46 7.70
C PRO A 246 -5.11 -9.42 7.77
N ALA A 247 -4.13 -10.33 7.89
CA ALA A 247 -3.86 -11.36 6.86
C ALA A 247 -5.08 -12.24 6.63
N GLN A 248 -5.34 -12.55 5.35
CA GLN A 248 -6.45 -13.34 4.85
C GLN A 248 -5.93 -14.68 4.37
N PRO A 249 -6.84 -15.66 4.23
CA PRO A 249 -6.44 -17.00 3.81
C PRO A 249 -5.78 -17.01 2.43
N LEU A 250 -4.66 -17.74 2.35
CA LEU A 250 -3.93 -17.80 1.10
C LEU A 250 -4.68 -18.60 0.04
N LYS A 251 -5.46 -19.61 0.45
CA LYS A 251 -6.28 -20.41 -0.48
C LYS A 251 -5.38 -20.98 -1.57
N ASN A 252 -5.85 -20.97 -2.79
CA ASN A 252 -5.11 -21.65 -3.81
C ASN A 252 -4.15 -20.71 -4.48
N ARG A 253 -3.14 -20.16 -3.69
CA ARG A 253 -2.16 -19.28 -4.25
C ARG A 253 -0.73 -19.64 -3.88
N GLN A 254 0.18 -19.29 -4.79
CA GLN A 254 1.60 -19.44 -4.54
C GLN A 254 2.23 -18.06 -4.50
N ILE A 255 3.06 -17.84 -3.47
CA ILE A 255 3.86 -16.63 -3.37
C ILE A 255 5.23 -16.96 -3.97
N LYS A 256 5.69 -16.13 -4.90
CA LYS A 256 6.96 -16.34 -5.56
C LYS A 256 7.95 -15.31 -5.08
N ALA A 257 9.20 -15.69 -4.97
CA ALA A 257 10.30 -14.82 -4.60
C ALA A 257 11.18 -14.52 -5.80
N SER A 258 11.65 -13.26 -5.90
CA SER A 258 12.56 -12.85 -6.96
C SER A 258 14.02 -13.18 -6.63
N PHE A 259 14.26 -13.69 -5.43
CA PHE A 259 15.60 -13.81 -4.86
C PHE A 259 15.72 -15.16 -4.16
N LYS A 260 16.97 -15.58 -4.08
CA LYS A 260 17.59 -16.61 -3.25
C LYS A 260 17.04 -17.99 -3.60
ZN ZN B . -3.20 0.09 1.03
S DMS C . -6.81 -3.29 12.80
O DMS C . -8.23 -2.79 12.41
C1 DMS C . -6.73 -3.29 14.51
C2 DMS C . -6.80 -4.96 12.39
N1 BCN D . 15.63 -6.93 6.21
C1 BCN D . 14.63 -7.93 5.81
C2 BCN D . 15.46 -9.16 6.18
O21 BCN D . 16.62 -8.98 6.68
O22 BCN D . 14.95 -10.27 5.98
C3 BCN D . 16.24 -6.22 5.09
C4 BCN D . 15.69 -6.72 3.75
O4 BCN D . 16.62 -7.45 2.98
C5 BCN D . 15.28 -6.17 7.41
C6 BCN D . 16.42 -5.38 8.03
O6 BCN D . 16.00 -4.09 8.43
C5 YNF E . -6.31 1.03 -1.51
C6 YNF E . -5.55 0.08 -2.24
C2 YNF E . -6.46 1.08 -4.30
C3 YNF E . -7.16 2.05 -3.54
C4 YNF E . -7.04 2.04 -2.11
O20 YNF E . -7.26 4.29 -1.48
C19 YNF E . -7.73 3.10 -1.31
N21 YNF E . -8.67 2.75 -0.43
C22 YNF E . -9.46 3.56 0.47
C23 YNF E . -10.96 3.55 0.19
C24 YNF E . -11.35 3.99 -1.22
C25 YNF E . -12.85 4.32 -1.22
S7 YNF E . -4.54 -1.10 -1.38
O9 YNF E . -4.96 -2.41 -1.72
O10 YNF E . -3.21 -0.73 -1.83
N8 YNF E . -4.67 -0.76 0.17
C1 YNF E . -5.66 0.10 -3.67
CL11 YNF E . -4.86 -1.01 -4.60
S12 YNF E . -8.11 3.25 -4.37
C13 YNF E . -9.63 2.63 -5.12
C18 YNF E . -10.36 1.48 -4.51
C17 YNF E . -11.34 1.00 -5.64
C16 YNF E . -12.27 2.08 -6.19
C15 YNF E . -12.10 3.36 -5.31
C14 YNF E . -10.64 3.81 -5.27
#